data_3FE4
#
_entry.id   3FE4
#
_cell.length_a   51.650
_cell.length_b   80.048
_cell.length_c   133.441
_cell.angle_alpha   90.00
_cell.angle_beta   90.00
_cell.angle_gamma   90.00
#
_symmetry.space_group_name_H-M   'P 21 21 21'
#
loop_
_entity.id
_entity.type
_entity.pdbx_description
1 polymer 'Carbonic anhydrase 6'
2 non-polymer 'MAGNESIUM ION'
3 non-polymer GLYCEROL
4 water water
#
_entity_poly.entity_id   1
_entity_poly.type   'polypeptide(L)'
_entity_poly.pdbx_seq_one_letter_code
;MSDWTYSEGALDEAHWPQHYPACGGQRQSPINLQRTKVRYNPSLKGLNMTGYETQAGEFPMVNNGHTVQISLPSTMRMTV
ADGTVYIAQQMHFHWGGASSEISGSEHTVDGIRHVIEIHIVHYNSKYKSYDIAQDAPDGLAVLAAFVEVKNYPENTYYSN
FISHLANIKYPGQRTTLTGLDVQDMLPRNLQHYYTYHGSLTTPPCTENVHWFVLADFVKLSRTQVWKLENSLLDHRNKTI
HNDYRRTQPLNHRVVESNFPNQEYTLGSEFQAENLYFQ
;
_entity_poly.pdbx_strand_id   A,B
#
# COMPACT_ATOMS: atom_id res chain seq x y z
N GLU A 13 -6.56 -22.33 -3.84
CA GLU A 13 -7.52 -21.76 -2.83
C GLU A 13 -7.77 -22.82 -1.76
N ALA A 14 -7.83 -24.06 -2.19
CA ALA A 14 -7.95 -25.21 -1.27
C ALA A 14 -6.71 -25.34 -0.38
N HIS A 15 -5.58 -24.89 -0.90
CA HIS A 15 -4.28 -25.01 -0.25
C HIS A 15 -3.96 -23.87 0.77
N TRP A 16 -4.74 -22.80 0.74
CA TRP A 16 -4.42 -21.58 1.49
C TRP A 16 -4.13 -21.83 2.97
N PRO A 17 -4.91 -22.71 3.64
CA PRO A 17 -4.70 -22.93 5.07
C PRO A 17 -3.38 -23.58 5.43
N GLN A 18 -2.70 -24.20 4.49
CA GLN A 18 -1.42 -24.80 4.79
C GLN A 18 -0.44 -23.77 5.35
N HIS A 19 -0.28 -22.66 4.65
CA HIS A 19 0.66 -21.61 5.04
C HIS A 19 0.00 -20.37 5.63
N TYR A 20 -1.28 -20.16 5.35
CA TYR A 20 -1.95 -19.05 5.98
C TYR A 20 -3.05 -19.57 6.88
N PRO A 21 -2.75 -19.76 8.16
CA PRO A 21 -3.68 -20.52 8.98
C PRO A 21 -5.08 -19.89 9.13
N ALA A 22 -5.18 -18.56 9.05
CA ALA A 22 -6.47 -17.91 9.19
C ALA A 22 -7.41 -18.31 8.09
N CYS A 23 -6.85 -18.69 6.94
CA CYS A 23 -7.70 -19.14 5.83
C CYS A 23 -8.50 -20.43 6.11
N GLY A 24 -8.05 -21.23 7.08
CA GLY A 24 -8.75 -22.42 7.55
C GLY A 24 -9.74 -22.13 8.67
N GLY A 25 -10.00 -20.85 8.94
CA GLY A 25 -10.91 -20.41 9.99
C GLY A 25 -12.39 -20.64 9.74
N GLN A 26 -13.19 -20.32 10.76
CA GLN A 26 -14.66 -20.43 10.78
C GLN A 26 -15.44 -19.18 10.38
N ARG A 27 -14.78 -18.03 10.23
CA ARG A 27 -15.47 -16.79 9.92
C ARG A 27 -14.92 -16.13 8.62
N GLN A 28 -14.90 -16.94 7.56
CA GLN A 28 -14.30 -16.53 6.32
C GLN A 28 -15.32 -15.82 5.43
N SER A 29 -14.79 -14.98 4.54
CA SER A 29 -15.56 -14.27 3.53
C SER A 29 -15.02 -14.63 2.11
N PRO A 30 -15.81 -14.40 1.06
CA PRO A 30 -17.16 -13.87 1.07
C PRO A 30 -18.12 -14.98 1.40
N ILE A 31 -19.40 -14.63 1.48
CA ILE A 31 -20.43 -15.57 1.76
C ILE A 31 -21.57 -15.31 0.78
N ASN A 32 -22.45 -16.28 0.67
CA ASN A 32 -23.76 -16.14 0.06
C ASN A 32 -24.74 -15.68 1.16
N LEU A 33 -25.42 -14.58 0.92
CA LEU A 33 -26.44 -14.07 1.84
C LEU A 33 -27.77 -14.69 1.46
N GLN A 34 -28.26 -15.63 2.27
CA GLN A 34 -29.60 -16.18 2.11
C GLN A 34 -30.60 -15.35 2.95
N ARG A 35 -31.47 -14.62 2.27
CA ARG A 35 -32.36 -13.65 2.92
C ARG A 35 -33.38 -14.28 3.86
N THR A 36 -33.72 -15.55 3.62
CA THR A 36 -34.66 -16.24 4.51
C THR A 36 -33.99 -16.57 5.86
N LYS A 37 -32.66 -16.68 5.88
CA LYS A 37 -31.86 -16.92 7.11
C LYS A 37 -31.31 -15.66 7.83
N VAL A 38 -31.59 -14.47 7.32
CA VAL A 38 -31.14 -13.24 7.95
C VAL A 38 -32.01 -12.89 9.17
N ARG A 39 -31.35 -12.51 10.26
CA ARG A 39 -32.05 -12.09 11.49
C ARG A 39 -32.16 -10.56 11.60
N TYR A 40 -33.40 -10.06 11.72
CA TYR A 40 -33.65 -8.66 11.96
C TYR A 40 -33.25 -8.27 13.37
N ASN A 41 -32.30 -7.35 13.47
CA ASN A 41 -31.88 -6.79 14.75
C ASN A 41 -32.33 -5.33 14.86
N PRO A 42 -33.48 -5.06 15.50
CA PRO A 42 -33.95 -3.68 15.67
C PRO A 42 -32.99 -2.74 16.41
N SER A 43 -32.00 -3.25 17.12
CA SER A 43 -31.06 -2.38 17.82
C SER A 43 -29.99 -1.86 16.89
N LEU A 44 -29.92 -2.38 15.66
CA LEU A 44 -29.05 -1.82 14.66
C LEU A 44 -29.82 -0.62 14.10
N LYS A 45 -29.13 0.50 14.09
CA LYS A 45 -29.69 1.70 13.55
C LYS A 45 -28.90 1.95 12.26
N GLY A 46 -28.52 3.20 12.02
CA GLY A 46 -27.86 3.60 10.77
C GLY A 46 -26.35 3.43 10.81
N LEU A 47 -25.75 3.57 9.64
CA LEU A 47 -24.30 3.49 9.51
C LEU A 47 -23.65 4.74 10.08
N ASN A 48 -24.44 5.79 10.25
CA ASN A 48 -23.93 7.04 10.81
C ASN A 48 -22.64 7.52 10.07
N MET A 49 -22.78 7.77 8.79
CA MET A 49 -21.68 8.17 7.92
C MET A 49 -21.54 9.67 7.96
N THR A 50 -20.31 10.19 8.13
CA THR A 50 -20.08 11.63 8.10
C THR A 50 -18.88 11.88 7.22
N GLY A 51 -18.97 12.94 6.39
CA GLY A 51 -17.86 13.41 5.58
C GLY A 51 -17.69 12.79 4.21
N TYR A 52 -18.69 12.06 3.75
CA TYR A 52 -18.63 11.40 2.44
C TYR A 52 -19.26 12.21 1.30
N GLU A 53 -19.81 13.38 1.64
CA GLU A 53 -20.52 14.19 0.65
C GLU A 53 -19.59 14.79 -0.41
N THR A 54 -20.20 15.50 -1.37
CA THR A 54 -19.41 16.12 -2.42
C THR A 54 -18.39 17.08 -1.80
N GLN A 55 -17.16 17.01 -2.27
CA GLN A 55 -16.14 17.89 -1.71
C GLN A 55 -15.03 17.99 -2.67
N ALA A 56 -14.32 19.09 -2.57
CA ALA A 56 -13.10 19.28 -3.27
C ALA A 56 -12.05 18.53 -2.44
N GLY A 57 -10.86 18.39 -2.99
CA GLY A 57 -9.81 17.68 -2.33
C GLY A 57 -9.16 16.79 -3.35
N GLU A 58 -8.10 16.10 -2.93
CA GLU A 58 -7.31 15.26 -3.82
C GLU A 58 -7.71 13.79 -3.60
N PHE A 59 -8.09 13.09 -4.66
CA PHE A 59 -8.49 11.70 -4.57
C PHE A 59 -7.64 10.89 -5.56
N PRO A 60 -6.47 10.41 -5.11
CA PRO A 60 -5.63 9.55 -5.93
C PRO A 60 -6.35 8.30 -6.38
N MET A 61 -6.15 7.93 -7.63
CA MET A 61 -6.80 6.77 -8.25
C MET A 61 -5.67 6.03 -8.97
N VAL A 62 -5.52 4.75 -8.65
CA VAL A 62 -4.38 3.92 -9.13
C VAL A 62 -4.84 2.57 -9.65
N ASN A 63 -4.15 2.12 -10.67
CA ASN A 63 -4.30 0.76 -11.17
C ASN A 63 -3.21 -0.02 -10.42
N ASN A 64 -3.62 -0.86 -9.48
CA ASN A 64 -2.65 -1.62 -8.68
C ASN A 64 -2.36 -2.99 -9.26
N GLY A 65 -2.83 -3.25 -10.48
CA GLY A 65 -2.66 -4.55 -11.12
C GLY A 65 -3.83 -5.47 -10.94
N HIS A 66 -4.65 -5.22 -9.92
CA HIS A 66 -5.77 -6.09 -9.64
CA HIS A 66 -5.75 -6.09 -9.60
C HIS A 66 -7.07 -5.33 -9.60
N THR A 67 -7.01 -4.03 -9.33
CA THR A 67 -8.25 -3.26 -9.36
C THR A 67 -7.90 -1.77 -9.62
N VAL A 68 -8.91 -0.92 -9.71
CA VAL A 68 -8.68 0.51 -9.50
C VAL A 68 -9.02 0.82 -8.05
N GLN A 69 -8.11 1.51 -7.38
CA GLN A 69 -8.29 1.93 -6.00
C GLN A 69 -8.19 3.45 -5.87
N ILE A 70 -9.14 4.01 -5.13
CA ILE A 70 -9.23 5.45 -4.90
C ILE A 70 -8.91 5.63 -3.41
N SER A 71 -7.86 6.37 -3.11
CA SER A 71 -7.55 6.71 -1.70
C SER A 71 -8.48 7.78 -1.15
N LEU A 72 -8.89 7.59 0.09
CA LEU A 72 -9.88 8.44 0.70
C LEU A 72 -9.34 9.19 1.93
N PRO A 73 -9.89 10.37 2.22
CA PRO A 73 -9.36 11.13 3.38
C PRO A 73 -9.94 10.64 4.72
N SER A 74 -9.21 10.91 5.77
CA SER A 74 -9.56 10.41 7.10
C SER A 74 -10.69 11.18 7.77
N THR A 75 -11.25 12.18 7.08
CA THR A 75 -12.48 12.86 7.52
C THR A 75 -13.71 12.09 7.07
N MET A 76 -13.54 11.02 6.31
CA MET A 76 -14.67 10.12 6.04
C MET A 76 -14.76 9.04 7.10
N ARG A 77 -15.84 9.03 7.90
CA ARG A 77 -15.95 8.06 9.02
C ARG A 77 -17.37 7.60 9.26
N MET A 78 -17.48 6.35 9.73
CA MET A 78 -18.74 5.75 10.06
C MET A 78 -18.69 5.19 11.48
N THR A 79 -19.86 5.19 12.11
CA THR A 79 -19.96 4.76 13.49
C THR A 79 -20.95 3.65 13.51
N VAL A 80 -20.53 2.53 14.07
CA VAL A 80 -21.37 1.34 14.12
C VAL A 80 -22.20 1.31 15.43
N ALA A 81 -23.07 0.30 15.56
CA ALA A 81 -24.02 0.25 16.69
C ALA A 81 -23.37 0.44 18.05
N ASP A 82 -22.27 -0.26 18.29
CA ASP A 82 -21.63 -0.22 19.61
C ASP A 82 -20.75 1.02 19.85
N GLY A 83 -20.74 1.94 18.89
CA GLY A 83 -20.01 3.20 19.02
C GLY A 83 -18.63 3.23 18.42
N THR A 84 -18.14 2.08 17.96
CA THR A 84 -16.83 2.03 17.30
C THR A 84 -16.83 2.90 16.06
N VAL A 85 -15.81 3.70 15.91
CA VAL A 85 -15.68 4.53 14.75
C VAL A 85 -14.65 3.96 13.77
N TYR A 86 -15.05 3.84 12.53
CA TYR A 86 -14.19 3.38 11.47
C TYR A 86 -13.88 4.47 10.44
N ILE A 87 -12.59 4.61 10.11
CA ILE A 87 -12.05 5.67 9.29
C ILE A 87 -11.86 5.10 7.86
N ALA A 88 -12.41 5.79 6.87
CA ALA A 88 -12.28 5.36 5.45
C ALA A 88 -10.84 5.41 5.03
N GLN A 89 -10.38 4.38 4.30
CA GLN A 89 -9.01 4.33 3.79
C GLN A 89 -8.98 4.39 2.26
N GLN A 90 -9.78 3.53 1.64
CA GLN A 90 -9.74 3.35 0.19
C GLN A 90 -11.02 2.71 -0.29
N MET A 91 -11.31 2.97 -1.56
CA MET A 91 -12.43 2.40 -2.27
C MET A 91 -11.91 1.67 -3.51
N HIS A 92 -12.47 0.49 -3.77
CA HIS A 92 -12.07 -0.27 -4.98
C HIS A 92 -13.23 -1.11 -5.46
N PHE A 93 -13.03 -1.81 -6.56
CA PHE A 93 -14.13 -2.41 -7.27
C PHE A 93 -13.75 -3.86 -7.64
N HIS A 94 -14.74 -4.74 -7.60
CA HIS A 94 -14.58 -6.11 -8.06
C HIS A 94 -15.47 -6.31 -9.27
N TRP A 95 -14.89 -6.77 -10.38
CA TRP A 95 -15.70 -6.96 -11.63
C TRP A 95 -15.27 -8.23 -12.36
N GLY A 96 -16.08 -8.61 -13.33
CA GLY A 96 -15.80 -9.73 -14.22
C GLY A 96 -15.71 -9.22 -15.67
N GLY A 97 -16.74 -9.49 -16.48
CA GLY A 97 -16.67 -9.21 -17.92
C GLY A 97 -15.96 -10.32 -18.67
N ILE A 102 -22.49 -13.66 -15.29
CA ILE A 102 -22.14 -12.65 -14.29
C ILE A 102 -21.05 -13.23 -13.38
N SER A 103 -19.93 -12.52 -13.26
CA SER A 103 -18.76 -13.06 -12.55
C SER A 103 -18.01 -12.01 -11.75
N GLY A 104 -18.70 -10.94 -11.36
CA GLY A 104 -18.03 -9.78 -10.81
C GLY A 104 -17.90 -9.78 -9.29
N SER A 105 -19.03 -9.94 -8.61
CA SER A 105 -19.05 -9.78 -7.18
C SER A 105 -18.42 -10.98 -6.43
N GLU A 106 -17.95 -10.71 -5.23
CA GLU A 106 -17.43 -11.72 -4.33
C GLU A 106 -18.58 -12.32 -3.54
N HIS A 107 -19.44 -11.46 -3.00
CA HIS A 107 -20.60 -11.95 -2.29
C HIS A 107 -21.71 -12.27 -3.26
N THR A 108 -22.57 -13.22 -2.89
CA THR A 108 -23.77 -13.50 -3.68
C THR A 108 -24.97 -13.31 -2.77
N VAL A 109 -26.14 -13.14 -3.37
CA VAL A 109 -27.37 -12.98 -2.63
C VAL A 109 -28.39 -13.94 -3.18
N ASP A 110 -28.84 -14.85 -2.33
CA ASP A 110 -29.72 -15.94 -2.69
C ASP A 110 -29.15 -16.68 -3.91
N GLY A 111 -27.85 -16.89 -3.93
CA GLY A 111 -27.22 -17.57 -5.06
C GLY A 111 -26.89 -16.70 -6.28
N ILE A 112 -27.37 -15.46 -6.32
CA ILE A 112 -27.12 -14.54 -7.44
C ILE A 112 -25.84 -13.75 -7.27
N ARG A 113 -24.98 -13.79 -8.27
CA ARG A 113 -23.73 -13.05 -8.32
C ARG A 113 -23.99 -11.76 -9.13
N HIS A 114 -23.43 -10.62 -8.72
CA HIS A 114 -23.72 -9.32 -9.36
C HIS A 114 -22.58 -8.88 -10.25
N VAL A 115 -22.80 -7.86 -11.10
CA VAL A 115 -21.81 -7.53 -12.14
C VAL A 115 -20.57 -6.85 -11.57
N ILE A 116 -20.78 -5.98 -10.59
CA ILE A 116 -19.69 -5.34 -9.92
C ILE A 116 -20.05 -5.30 -8.43
N GLU A 117 -19.05 -5.37 -7.56
CA GLU A 117 -19.21 -5.08 -6.13
C GLU A 117 -18.20 -3.98 -5.78
N ILE A 118 -18.69 -2.97 -5.07
CA ILE A 118 -17.90 -1.84 -4.62
C ILE A 118 -17.58 -2.01 -3.14
N HIS A 119 -16.32 -1.80 -2.76
CA HIS A 119 -15.83 -1.91 -1.40
C HIS A 119 -15.22 -0.63 -0.94
N ILE A 120 -15.72 -0.12 0.17
CA ILE A 120 -15.06 0.98 0.90
C ILE A 120 -14.46 0.37 2.17
N VAL A 121 -13.15 0.35 2.24
CA VAL A 121 -12.39 -0.25 3.32
C VAL A 121 -12.09 0.82 4.37
N HIS A 122 -12.41 0.51 5.62
CA HIS A 122 -12.22 1.39 6.79
C HIS A 122 -11.39 0.67 7.82
N TYR A 123 -10.76 1.45 8.69
CA TYR A 123 -10.00 0.90 9.84
C TYR A 123 -10.48 1.52 11.17
N ASN A 124 -10.38 0.71 12.24
CA ASN A 124 -10.88 1.09 13.57
C ASN A 124 -10.02 2.26 14.10
N SER A 125 -10.68 3.34 14.49
CA SER A 125 -10.01 4.52 14.97
C SER A 125 -9.25 4.35 16.29
N LYS A 126 -9.49 3.28 17.03
CA LYS A 126 -8.66 2.96 18.21
C LYS A 126 -7.20 2.63 17.84
N TYR A 127 -6.92 2.35 16.57
CA TYR A 127 -5.54 2.17 16.09
C TYR A 127 -4.94 3.39 15.34
N LYS A 128 -3.62 3.54 15.44
CA LYS A 128 -2.92 4.73 14.94
C LYS A 128 -2.80 4.80 13.44
N SER A 129 -2.88 3.64 12.77
CA SER A 129 -2.75 3.59 11.33
C SER A 129 -3.50 2.40 10.80
N TYR A 130 -3.81 2.47 9.50
CA TYR A 130 -4.35 1.37 8.71
C TYR A 130 -3.49 0.12 8.81
N ASP A 131 -2.16 0.30 8.67
CA ASP A 131 -1.23 -0.82 8.72
C ASP A 131 -1.21 -1.54 10.05
N ILE A 132 -1.37 -0.82 11.16
CA ILE A 132 -1.52 -1.45 12.48
C ILE A 132 -2.88 -2.18 12.57
N ALA A 133 -3.93 -1.49 12.15
CA ALA A 133 -5.28 -2.05 12.23
C ALA A 133 -5.42 -3.39 11.45
N GLN A 134 -4.70 -3.51 10.34
CA GLN A 134 -4.86 -4.68 9.50
C GLN A 134 -4.57 -6.00 10.22
N ASP A 135 -3.80 -5.94 11.29
CA ASP A 135 -3.41 -7.15 12.04
C ASP A 135 -3.98 -7.15 13.45
N ALA A 136 -5.05 -6.41 13.65
CA ALA A 136 -5.60 -6.18 14.95
C ALA A 136 -6.99 -6.80 14.98
N PRO A 137 -7.41 -7.27 16.16
CA PRO A 137 -8.79 -7.73 16.22
C PRO A 137 -9.70 -6.50 16.06
N ASP A 138 -10.81 -6.71 15.41
CA ASP A 138 -11.71 -5.59 15.07
C ASP A 138 -11.02 -4.39 14.38
N GLY A 139 -9.96 -4.66 13.64
CA GLY A 139 -9.20 -3.65 12.94
C GLY A 139 -9.92 -3.04 11.77
N LEU A 140 -10.74 -3.85 11.07
CA LEU A 140 -11.31 -3.42 9.77
C LEU A 140 -12.81 -3.53 9.59
N ALA A 141 -13.35 -2.66 8.73
CA ALA A 141 -14.75 -2.69 8.29
C ALA A 141 -14.86 -2.32 6.83
N VAL A 142 -15.70 -3.06 6.14
CA VAL A 142 -15.90 -2.84 4.71
C VAL A 142 -17.38 -2.57 4.47
N LEU A 143 -17.65 -1.43 3.85
CA LEU A 143 -18.96 -1.14 3.30
C LEU A 143 -19.02 -1.66 1.84
N ALA A 144 -19.97 -2.55 1.55
CA ALA A 144 -20.03 -3.21 0.22
C ALA A 144 -21.37 -2.89 -0.42
N ALA A 145 -21.37 -2.66 -1.72
CA ALA A 145 -22.58 -2.42 -2.46
C ALA A 145 -22.46 -3.10 -3.82
N PHE A 146 -23.55 -3.69 -4.31
CA PHE A 146 -23.62 -4.24 -5.65
C PHE A 146 -24.07 -3.22 -6.68
N VAL A 147 -23.58 -3.38 -7.91
CA VAL A 147 -24.09 -2.66 -9.07
C VAL A 147 -25.09 -3.57 -9.75
N GLU A 148 -26.16 -2.96 -10.25
CA GLU A 148 -27.11 -3.61 -11.14
C GLU A 148 -27.21 -2.86 -12.50
N VAL A 149 -27.39 -3.61 -13.58
CA VAL A 149 -27.56 -3.03 -14.90
C VAL A 149 -28.88 -3.52 -15.44
N LYS A 150 -29.50 -2.68 -16.24
CA LYS A 150 -30.80 -2.97 -16.84
C LYS A 150 -30.81 -2.12 -18.09
N ASN A 151 -31.53 -1.00 -18.05
CA ASN A 151 -31.53 -0.09 -19.18
C ASN A 151 -31.35 1.31 -18.62
N TYR A 152 -30.50 1.39 -17.60
CA TYR A 152 -30.31 2.62 -16.86
C TYR A 152 -29.47 3.60 -17.65
N PRO A 153 -29.72 4.91 -17.48
CA PRO A 153 -28.83 5.91 -18.08
C PRO A 153 -27.51 6.08 -17.30
N GLU A 154 -26.63 6.90 -17.85
CA GLU A 154 -25.35 7.18 -17.21
C GLU A 154 -25.59 7.65 -15.80
N ASN A 155 -24.83 7.07 -14.86
CA ASN A 155 -24.84 7.50 -13.48
C ASN A 155 -23.85 8.63 -13.42
N THR A 156 -24.39 9.82 -13.22
CA THR A 156 -23.60 11.02 -13.38
C THR A 156 -22.50 11.11 -12.31
N TYR A 157 -22.68 10.45 -11.16
CA TYR A 157 -21.65 10.50 -10.11
C TYR A 157 -20.40 9.68 -10.40
N TYR A 158 -20.50 8.83 -11.42
CA TYR A 158 -19.35 8.06 -11.91
C TYR A 158 -18.65 8.65 -13.13
N SER A 159 -19.20 9.71 -13.71
CA SER A 159 -18.69 10.21 -15.01
C SER A 159 -17.24 10.60 -15.02
N ASN A 160 -16.77 11.38 -14.05
CA ASN A 160 -15.33 11.75 -14.00
C ASN A 160 -14.39 10.62 -13.77
N PHE A 161 -14.76 9.77 -12.81
CA PHE A 161 -14.00 8.58 -12.49
C PHE A 161 -13.84 7.70 -13.69
N ILE A 162 -14.94 7.42 -14.37
CA ILE A 162 -14.86 6.54 -15.54
C ILE A 162 -14.00 7.17 -16.56
N SER A 163 -14.14 8.50 -16.74
CA SER A 163 -13.33 9.16 -17.76
CA SER A 163 -13.35 9.17 -17.77
C SER A 163 -11.84 9.06 -17.48
N HIS A 164 -11.46 9.01 -16.20
CA HIS A 164 -10.03 8.88 -15.85
C HIS A 164 -9.42 7.49 -15.94
N LEU A 165 -10.22 6.43 -16.14
CA LEU A 165 -9.67 5.08 -16.29
C LEU A 165 -8.65 5.02 -17.43
N ALA A 166 -8.89 5.81 -18.48
CA ALA A 166 -8.03 5.83 -19.67
C ALA A 166 -6.62 6.30 -19.30
N ASN A 167 -6.52 7.06 -18.20
CA ASN A 167 -5.22 7.52 -17.72
C ASN A 167 -4.43 6.53 -16.85
N ILE A 168 -5.05 5.41 -16.45
CA ILE A 168 -4.35 4.42 -15.61
C ILE A 168 -4.45 3.00 -16.18
N LYS A 169 -4.28 2.90 -17.49
CA LYS A 169 -4.41 1.65 -18.20
C LYS A 169 -3.36 0.62 -17.75
N TYR A 170 -2.13 1.08 -17.50
CA TYR A 170 -1.04 0.18 -17.10
C TYR A 170 -0.86 0.12 -15.59
N PRO A 171 -0.47 -1.05 -15.06
CA PRO A 171 -0.33 -1.20 -13.64
C PRO A 171 0.69 -0.24 -13.06
N GLY A 172 0.31 0.36 -11.95
CA GLY A 172 1.14 1.31 -11.31
C GLY A 172 0.89 2.72 -11.75
N GLN A 173 0.18 2.94 -12.85
CA GLN A 173 -0.16 4.31 -13.21
C GLN A 173 -1.16 4.92 -12.23
N ARG A 174 -1.10 6.24 -12.10
CA ARG A 174 -1.90 6.94 -11.13
C ARG A 174 -2.41 8.22 -11.75
N THR A 175 -3.53 8.68 -11.23
CA THR A 175 -4.14 9.88 -11.69
C THR A 175 -4.86 10.45 -10.48
N THR A 176 -5.19 11.73 -10.49
CA THR A 176 -5.96 12.35 -9.40
CA THR A 176 -6.00 12.27 -9.39
C THR A 176 -7.30 12.91 -9.85
N LEU A 177 -8.28 12.86 -8.95
CA LEU A 177 -9.55 13.54 -9.14
C LEU A 177 -9.49 14.68 -8.11
N THR A 178 -9.92 15.91 -8.44
CA THR A 178 -9.83 17.00 -7.42
C THR A 178 -11.17 17.28 -6.70
N GLY A 179 -12.06 16.33 -6.81
CA GLY A 179 -13.38 16.45 -6.25
C GLY A 179 -14.03 15.11 -6.48
N LEU A 180 -14.86 14.70 -5.55
CA LEU A 180 -15.57 13.42 -5.61
C LEU A 180 -16.76 13.45 -4.66
N ASP A 181 -17.76 12.65 -4.98
CA ASP A 181 -18.95 12.50 -4.14
C ASP A 181 -19.18 11.03 -3.79
N VAL A 182 -18.49 10.55 -2.76
CA VAL A 182 -18.49 9.08 -2.43
C VAL A 182 -19.91 8.65 -2.02
N GLN A 183 -20.56 9.48 -1.24
CA GLN A 183 -21.91 9.16 -0.80
C GLN A 183 -22.83 8.85 -1.97
N ASP A 184 -22.79 9.68 -3.02
CA ASP A 184 -23.71 9.50 -4.16
C ASP A 184 -23.18 8.53 -5.21
N MET A 185 -21.95 8.02 -5.05
CA MET A 185 -21.51 6.85 -5.80
C MET A 185 -22.09 5.56 -5.17
N LEU A 186 -22.67 5.65 -3.98
CA LEU A 186 -23.21 4.50 -3.29
C LEU A 186 -24.70 4.44 -3.63
N PRO A 187 -25.40 3.38 -3.20
CA PRO A 187 -26.83 3.36 -3.52
C PRO A 187 -27.60 4.55 -2.93
N ARG A 188 -28.71 4.89 -3.58
CA ARG A 188 -29.57 5.95 -3.08
C ARG A 188 -30.05 5.74 -1.67
N ASN A 189 -30.41 4.49 -1.32
CA ASN A 189 -30.76 4.15 0.07
C ASN A 189 -29.57 3.61 0.80
N LEU A 190 -29.11 4.38 1.79
CA LEU A 190 -27.99 4.00 2.63
C LEU A 190 -28.43 3.59 4.03
N GLN A 191 -29.73 3.48 4.20
CA GLN A 191 -30.33 3.20 5.47
C GLN A 191 -30.32 1.70 5.76
N HIS A 192 -30.58 0.87 4.75
CA HIS A 192 -30.74 -0.56 4.97
C HIS A 192 -29.53 -1.39 4.61
N TYR A 193 -29.14 -2.28 5.51
CA TYR A 193 -28.00 -3.13 5.27
C TYR A 193 -28.07 -4.46 5.99
N TYR A 194 -27.22 -5.38 5.52
CA TYR A 194 -26.92 -6.64 6.19
C TYR A 194 -25.53 -6.51 6.80
N THR A 195 -25.28 -7.19 7.90
CA THR A 195 -23.97 -7.19 8.49
C THR A 195 -23.59 -8.55 9.03
N TYR A 196 -22.30 -8.85 8.94
CA TYR A 196 -21.80 -10.04 9.54
C TYR A 196 -20.32 -9.87 9.79
N HIS A 197 -19.80 -10.76 10.59
CA HIS A 197 -18.34 -10.76 10.90
C HIS A 197 -17.56 -11.76 10.05
N GLY A 198 -16.54 -11.29 9.37
CA GLY A 198 -15.87 -12.11 8.41
C GLY A 198 -14.39 -11.79 8.31
N SER A 199 -13.86 -11.94 7.11
CA SER A 199 -12.44 -11.88 6.88
C SER A 199 -12.06 -11.18 5.59
N LEU A 200 -10.76 -11.08 5.38
CA LEU A 200 -10.23 -10.75 4.06
C LEU A 200 -10.55 -11.89 3.11
N THR A 201 -10.73 -11.59 1.83
CA THR A 201 -11.04 -12.65 0.83
C THR A 201 -9.83 -13.25 0.09
N THR A 202 -8.65 -12.88 0.52
CA THR A 202 -7.41 -13.39 0.00
C THR A 202 -6.43 -13.55 1.17
N PRO A 203 -5.38 -14.35 1.00
CA PRO A 203 -4.46 -14.51 2.11
C PRO A 203 -3.85 -13.17 2.51
N PRO A 204 -3.57 -12.98 3.79
CA PRO A 204 -3.64 -13.97 4.87
C PRO A 204 -5.05 -14.30 5.45
N CYS A 205 -6.13 -13.85 4.79
CA CYS A 205 -7.51 -14.18 5.25
C CYS A 205 -7.81 -13.80 6.70
N THR A 206 -7.24 -12.69 7.16
CA THR A 206 -7.39 -12.26 8.55
C THR A 206 -8.88 -12.08 8.94
N GLU A 207 -9.26 -12.67 10.05
CA GLU A 207 -10.64 -12.67 10.45
C GLU A 207 -10.96 -11.44 11.34
N ASN A 208 -10.82 -10.24 10.79
CA ASN A 208 -10.99 -9.03 11.61
C ASN A 208 -11.80 -7.98 10.85
N VAL A 209 -12.67 -8.47 9.95
CA VAL A 209 -13.38 -7.58 9.05
C VAL A 209 -14.86 -7.59 9.42
N HIS A 210 -15.38 -6.43 9.84
CA HIS A 210 -16.82 -6.29 10.07
C HIS A 210 -17.45 -5.87 8.73
N TRP A 211 -18.26 -6.71 8.11
CA TRP A 211 -18.86 -6.44 6.76
C TRP A 211 -20.22 -5.78 6.89
N PHE A 212 -20.44 -4.77 6.07
CA PHE A 212 -21.75 -4.21 5.88
C PHE A 212 -22.10 -4.26 4.39
N VAL A 213 -23.21 -4.92 4.07
CA VAL A 213 -23.59 -5.09 2.70
C VAL A 213 -24.90 -4.38 2.54
N LEU A 214 -24.93 -3.38 1.66
CA LEU A 214 -26.12 -2.57 1.46
C LEU A 214 -27.18 -3.38 0.73
N ALA A 215 -28.46 -3.18 1.09
CA ALA A 215 -29.57 -3.90 0.49
C ALA A 215 -29.89 -3.33 -0.89
N ASP A 216 -29.84 -1.99 -1.02
CA ASP A 216 -30.07 -1.29 -2.29
C ASP A 216 -28.79 -1.37 -3.17
N PHE A 217 -29.00 -1.19 -4.46
CA PHE A 217 -27.98 -1.35 -5.49
C PHE A 217 -27.63 -0.02 -6.10
N VAL A 218 -26.40 0.05 -6.61
CA VAL A 218 -25.97 1.19 -7.44
C VAL A 218 -26.41 0.91 -8.89
N LYS A 219 -27.05 1.89 -9.53
CA LYS A 219 -27.45 1.77 -10.95
C LYS A 219 -26.39 2.36 -11.89
N LEU A 220 -25.76 1.50 -12.69
CA LEU A 220 -24.86 1.97 -13.74
C LEU A 220 -25.48 1.66 -15.11
N SER A 221 -25.07 2.43 -16.11
CA SER A 221 -25.41 2.15 -17.49
C SER A 221 -24.55 0.98 -17.96
N ARG A 222 -25.01 0.30 -19.00
CA ARG A 222 -24.23 -0.78 -19.60
C ARG A 222 -22.87 -0.32 -20.14
N THR A 223 -22.81 0.86 -20.73
CA THR A 223 -21.54 1.44 -21.20
C THR A 223 -20.55 1.66 -20.06
N GLN A 224 -21.03 2.17 -18.93
CA GLN A 224 -20.19 2.40 -17.75
C GLN A 224 -19.59 1.11 -17.26
N VAL A 225 -20.42 0.06 -17.17
CA VAL A 225 -19.94 -1.24 -16.76
C VAL A 225 -18.88 -1.78 -17.74
N TRP A 226 -19.13 -1.66 -19.05
CA TRP A 226 -18.20 -2.09 -20.09
C TRP A 226 -16.83 -1.38 -19.96
N LYS A 227 -16.86 -0.07 -19.74
CA LYS A 227 -15.64 0.69 -19.61
C LYS A 227 -14.86 0.24 -18.37
N LEU A 228 -15.54 0.04 -17.25
CA LEU A 228 -14.84 -0.41 -16.04
C LEU A 228 -14.15 -1.74 -16.28
N GLU A 229 -14.84 -2.64 -16.97
CA GLU A 229 -14.33 -4.00 -17.20
C GLU A 229 -13.24 -4.03 -18.27
N ASN A 230 -13.18 -3.03 -19.13
CA ASN A 230 -12.32 -3.15 -20.28
C ASN A 230 -11.25 -2.06 -20.34
N SER A 231 -11.02 -1.33 -19.26
CA SER A 231 -10.08 -0.22 -19.33
C SER A 231 -8.67 -0.50 -18.83
N LEU A 232 -8.54 -1.40 -17.85
CA LEU A 232 -7.27 -1.57 -17.14
C LEU A 232 -6.58 -2.88 -17.56
N LEU A 233 -5.26 -2.81 -17.67
CA LEU A 233 -4.40 -4.00 -17.91
C LEU A 233 -3.68 -4.39 -16.61
N ASP A 234 -3.30 -5.67 -16.54
CA ASP A 234 -2.56 -6.22 -15.40
C ASP A 234 -1.06 -6.31 -15.73
N HIS A 235 -0.28 -6.91 -14.82
CA HIS A 235 1.19 -6.98 -14.96
C HIS A 235 1.68 -7.81 -16.14
N ARG A 236 0.84 -8.77 -16.55
CA ARG A 236 1.09 -9.56 -17.75
C ARG A 236 0.55 -8.84 -18.99
N ASN A 237 0.19 -7.57 -18.83
CA ASN A 237 -0.36 -6.74 -19.90
C ASN A 237 -1.69 -7.23 -20.49
N LYS A 238 -2.40 -8.09 -19.76
CA LYS A 238 -3.74 -8.54 -20.19
C LYS A 238 -4.81 -7.76 -19.43
N THR A 239 -6.00 -7.64 -20.04
CA THR A 239 -7.13 -6.96 -19.40
C THR A 239 -7.42 -7.58 -18.04
N ILE A 240 -7.68 -6.75 -17.04
CA ILE A 240 -7.94 -7.26 -15.70
C ILE A 240 -9.32 -7.92 -15.64
N HIS A 241 -9.35 -9.23 -15.37
CA HIS A 241 -10.59 -9.98 -15.11
C HIS A 241 -10.32 -11.21 -14.19
N ASN A 242 -10.22 -10.95 -12.88
CA ASN A 242 -9.68 -11.93 -11.90
C ASN A 242 -10.67 -12.85 -11.14
N ASP A 243 -10.20 -14.06 -10.82
CA ASP A 243 -10.98 -15.08 -10.12
C ASP A 243 -11.30 -14.75 -8.64
N TYR A 244 -12.58 -14.57 -8.36
CA TYR A 244 -13.08 -14.47 -6.98
C TYR A 244 -12.83 -15.76 -6.18
N ARG A 245 -12.70 -15.61 -4.87
CA ARG A 245 -12.77 -16.75 -3.93
C ARG A 245 -14.20 -17.26 -3.85
N ARG A 246 -14.39 -18.57 -3.82
CA ARG A 246 -15.76 -19.11 -3.66
C ARG A 246 -16.41 -18.59 -2.36
N THR A 247 -17.74 -18.58 -2.31
CA THR A 247 -18.40 -18.21 -1.06
C THR A 247 -18.12 -19.28 0.01
N GLN A 248 -18.08 -18.85 1.27
CA GLN A 248 -17.65 -19.68 2.38
C GLN A 248 -18.84 -19.99 3.31
N PRO A 249 -18.74 -21.09 4.05
CA PRO A 249 -19.83 -21.43 4.98
C PRO A 249 -19.97 -20.41 6.09
N LEU A 250 -21.22 -20.14 6.48
CA LEU A 250 -21.54 -19.26 7.63
C LEU A 250 -21.06 -19.90 8.94
N ASN A 251 -21.13 -21.22 9.04
CA ASN A 251 -20.72 -21.93 10.25
C ASN A 251 -21.61 -21.44 11.40
N HIS A 252 -21.06 -20.84 12.46
CA HIS A 252 -21.91 -20.43 13.57
C HIS A 252 -22.46 -19.00 13.46
N ARG A 253 -22.16 -18.32 12.38
CA ARG A 253 -22.60 -16.95 12.21
C ARG A 253 -24.02 -16.87 11.73
N VAL A 254 -24.70 -15.79 12.13
CA VAL A 254 -26.01 -15.43 11.57
C VAL A 254 -25.89 -14.01 11.03
N VAL A 255 -26.26 -13.83 9.76
CA VAL A 255 -26.26 -12.52 9.14
C VAL A 255 -27.43 -11.76 9.75
N GLU A 256 -27.19 -10.51 10.17
CA GLU A 256 -28.25 -9.66 10.69
C GLU A 256 -28.59 -8.49 9.77
N SER A 257 -29.78 -7.91 9.94
CA SER A 257 -30.25 -6.80 9.13
C SER A 257 -30.84 -5.74 10.05
N ASN A 258 -30.83 -4.51 9.60
CA ASN A 258 -31.38 -3.43 10.41
C ASN A 258 -32.78 -3.05 9.89
N PHE A 259 -33.45 -3.97 9.21
CA PHE A 259 -34.82 -3.79 8.70
C PHE A 259 -35.56 -5.15 8.69
N PRO A 260 -36.89 -5.16 8.90
CA PRO A 260 -37.64 -6.41 8.89
C PRO A 260 -37.44 -7.30 7.66
N ALA B 14 15.01 -1.00 -21.21
CA ALA B 14 13.57 -1.03 -20.88
C ALA B 14 12.70 -0.65 -22.10
N HIS B 15 11.63 -1.39 -22.30
CA HIS B 15 10.44 -0.89 -22.96
C HIS B 15 9.61 0.02 -22.01
N TRP B 16 10.15 0.35 -20.86
CA TRP B 16 9.38 1.09 -19.86
C TRP B 16 8.85 2.41 -20.40
N PRO B 17 9.65 3.18 -21.16
CA PRO B 17 9.16 4.53 -21.56
C PRO B 17 7.93 4.53 -22.49
N GLN B 18 7.69 3.40 -23.14
CA GLN B 18 6.55 3.16 -24.02
C GLN B 18 5.22 3.40 -23.31
N HIS B 19 5.11 2.85 -22.12
CA HIS B 19 3.86 2.89 -21.35
C HIS B 19 3.95 3.89 -20.19
N TYR B 20 5.16 4.17 -19.71
CA TYR B 20 5.31 5.06 -18.54
C TYR B 20 6.29 6.17 -18.91
N PRO B 21 5.77 7.32 -19.35
CA PRO B 21 6.61 8.38 -19.93
C PRO B 21 7.72 8.94 -19.01
N ALA B 22 7.45 9.00 -17.70
CA ALA B 22 8.47 9.48 -16.74
C ALA B 22 9.75 8.66 -16.80
N CYS B 23 9.64 7.38 -17.18
CA CYS B 23 10.81 6.53 -17.18
C CYS B 23 11.82 6.92 -18.24
N GLY B 24 11.38 7.62 -19.28
CA GLY B 24 12.27 8.18 -20.29
C GLY B 24 12.71 9.60 -19.94
N GLY B 25 12.52 10.01 -18.70
CA GLY B 25 12.95 11.32 -18.24
C GLY B 25 14.44 11.51 -18.05
N GLN B 26 14.84 12.74 -17.72
CA GLN B 26 16.24 13.10 -17.49
C GLN B 26 16.73 13.02 -16.03
N ARG B 27 15.83 12.75 -15.08
CA ARG B 27 16.19 12.74 -13.66
C ARG B 27 15.86 11.40 -13.02
N GLN B 28 16.37 10.34 -13.62
CA GLN B 28 16.03 8.98 -13.18
C GLN B 28 17.02 8.41 -12.15
N SER B 29 16.54 7.42 -11.44
CA SER B 29 17.24 6.70 -10.36
C SER B 29 17.18 5.18 -10.66
N PRO B 30 18.16 4.42 -10.16
CA PRO B 30 19.24 4.86 -9.30
C PRO B 30 20.36 5.44 -10.14
N ILE B 31 21.44 5.86 -9.48
CA ILE B 31 22.62 6.37 -10.16
C ILE B 31 23.87 5.77 -9.56
N ASN B 32 24.98 5.93 -10.27
CA ASN B 32 26.31 5.63 -9.74
C ASN B 32 26.84 6.92 -9.14
N LEU B 33 27.12 6.94 -7.84
CA LEU B 33 27.75 8.09 -7.24
C LEU B 33 29.28 8.05 -7.46
N GLN B 34 29.78 8.92 -8.32
CA GLN B 34 31.22 9.05 -8.56
C GLN B 34 31.79 10.16 -7.67
N ARG B 35 32.56 9.78 -6.66
CA ARG B 35 32.90 10.72 -5.59
C ARG B 35 33.76 11.91 -6.07
N THR B 36 34.52 11.70 -7.14
CA THR B 36 35.37 12.75 -7.70
C THR B 36 34.53 13.86 -8.30
N LYS B 37 33.27 13.53 -8.63
CA LYS B 37 32.35 14.46 -9.26
C LYS B 37 31.33 15.06 -8.30
N VAL B 38 31.39 14.71 -7.02
CA VAL B 38 30.48 15.23 -6.01
C VAL B 38 30.89 16.64 -5.55
N ARG B 39 29.93 17.57 -5.53
CA ARG B 39 30.20 18.96 -5.14
C ARG B 39 29.79 19.23 -3.67
N TYR B 40 30.75 19.68 -2.89
CA TYR B 40 30.48 20.08 -1.53
C TYR B 40 29.66 21.35 -1.55
N ASN B 41 28.56 21.33 -0.82
CA ASN B 41 27.68 22.47 -0.68
C ASN B 41 27.69 22.78 0.83
N PRO B 42 28.48 23.79 1.24
CA PRO B 42 28.59 24.09 2.66
C PRO B 42 27.26 24.52 3.32
N SER B 43 26.21 24.75 2.53
CA SER B 43 24.97 25.29 3.06
C SER B 43 23.97 24.21 3.45
N LEU B 44 24.22 22.98 3.03
CA LEU B 44 23.46 21.84 3.50
C LEU B 44 24.01 21.57 4.88
N LYS B 45 23.15 21.42 5.88
CA LYS B 45 23.62 21.03 7.19
C LYS B 45 23.16 19.59 7.42
N GLY B 46 22.56 19.32 8.57
CA GLY B 46 22.13 17.98 8.92
C GLY B 46 20.78 17.60 8.34
N LEU B 47 20.46 16.33 8.46
CA LEU B 47 19.13 15.80 8.12
C LEU B 47 18.02 16.20 9.12
N ASN B 48 18.41 16.66 10.31
CA ASN B 48 17.43 17.13 11.29
C ASN B 48 16.31 16.09 11.49
N MET B 49 16.74 14.88 11.82
CA MET B 49 15.77 13.80 12.11
C MET B 49 15.28 13.87 13.55
N THR B 50 13.97 13.77 13.75
CA THR B 50 13.39 13.67 15.08
C THR B 50 12.35 12.57 15.12
N GLY B 51 12.33 11.88 16.27
CA GLY B 51 11.40 10.80 16.55
C GLY B 51 11.80 9.41 16.12
N TYR B 52 13.07 9.22 15.76
CA TYR B 52 13.53 7.91 15.25
C TYR B 52 14.19 7.02 16.31
N GLU B 53 14.39 7.55 17.53
CA GLU B 53 15.00 6.85 18.65
C GLU B 53 14.23 5.60 19.12
N THR B 54 14.86 4.86 20.02
CA THR B 54 14.26 3.69 20.59
C THR B 54 12.89 4.11 21.14
N GLN B 55 11.86 3.34 20.80
CA GLN B 55 10.52 3.60 21.28
C GLN B 55 9.68 2.36 21.29
N ALA B 56 8.68 2.37 22.17
CA ALA B 56 7.68 1.37 22.22
C ALA B 56 6.68 1.83 21.15
N GLY B 57 5.73 0.98 20.81
CA GLY B 57 4.80 1.28 19.72
C GLY B 57 4.80 0.09 18.79
N GLU B 58 3.81 0.01 17.91
CA GLU B 58 3.69 -1.11 17.00
C GLU B 58 4.34 -0.82 15.64
N PHE B 59 5.16 -1.75 15.13
CA PHE B 59 5.79 -1.58 13.83
C PHE B 59 5.42 -2.82 12.99
N PRO B 60 4.32 -2.71 12.23
CA PRO B 60 3.93 -3.81 11.30
C PRO B 60 5.06 -4.10 10.34
N MET B 61 5.31 -5.40 10.10
CA MET B 61 6.37 -5.90 9.24
C MET B 61 5.66 -6.90 8.32
N VAL B 62 5.80 -6.70 7.02
CA VAL B 62 5.07 -7.51 6.02
C VAL B 62 5.99 -7.94 4.88
N ASN B 63 5.84 -9.17 4.44
CA ASN B 63 6.43 -9.65 3.21
C ASN B 63 5.45 -9.31 2.11
N ASN B 64 5.81 -8.37 1.25
CA ASN B 64 4.86 -7.94 0.19
C ASN B 64 5.14 -8.66 -1.12
N GLY B 65 5.98 -9.69 -1.06
CA GLY B 65 6.26 -10.53 -2.26
C GLY B 65 7.49 -10.06 -2.96
N HIS B 66 7.92 -8.82 -2.69
CA HIS B 66 9.17 -8.35 -3.28
CA HIS B 66 9.11 -8.23 -3.29
C HIS B 66 10.15 -7.84 -2.25
N THR B 67 9.68 -7.46 -1.05
CA THR B 67 10.60 -7.12 0.00
C THR B 67 9.92 -7.29 1.35
N VAL B 68 10.66 -7.02 2.42
CA VAL B 68 10.08 -6.80 3.74
C VAL B 68 9.99 -5.28 3.97
N GLN B 69 8.80 -4.86 4.30
CA GLN B 69 8.50 -3.49 4.61
C GLN B 69 8.02 -3.33 6.07
N ILE B 70 8.56 -2.33 6.75
CA ILE B 70 8.14 -2.01 8.07
C ILE B 70 7.39 -0.69 8.00
N SER B 71 6.16 -0.66 8.52
CA SER B 71 5.39 0.59 8.58
C SER B 71 5.84 1.46 9.73
N LEU B 72 6.09 2.74 9.43
CA LEU B 72 6.60 3.69 10.45
C LEU B 72 5.56 4.73 10.89
N PRO B 73 5.66 5.22 12.13
CA PRO B 73 4.69 6.23 12.61
C PRO B 73 4.99 7.64 12.05
N SER B 74 3.97 8.49 12.02
CA SER B 74 4.09 9.83 11.42
C SER B 74 4.81 10.84 12.36
N THR B 75 5.22 10.38 13.52
CA THR B 75 6.10 11.12 14.42
C THR B 75 7.61 11.03 14.02
N MET B 76 7.96 10.23 13.02
CA MET B 76 9.33 10.24 12.54
C MET B 76 9.40 11.21 11.35
N ARG B 77 10.21 12.25 11.46
CA ARG B 77 10.20 13.35 10.50
C ARG B 77 11.60 13.82 10.31
N MET B 78 11.93 14.22 9.09
CA MET B 78 13.17 14.92 8.83
C MET B 78 12.93 16.25 8.11
N THR B 79 13.85 17.17 8.28
CA THR B 79 13.75 18.51 7.64
C THR B 79 14.96 18.76 6.77
N VAL B 80 14.70 19.11 5.51
CA VAL B 80 15.74 19.36 4.52
C VAL B 80 16.17 20.82 4.55
N ALA B 81 17.29 21.11 3.90
CA ALA B 81 17.89 22.44 3.93
C ALA B 81 16.88 23.56 3.71
N ASP B 82 16.00 23.43 2.73
CA ASP B 82 15.11 24.54 2.42
C ASP B 82 13.95 24.63 3.44
N GLY B 83 13.99 23.78 4.45
CA GLY B 83 12.95 23.73 5.49
C GLY B 83 11.75 22.81 5.22
N THR B 84 11.78 22.06 4.11
CA THR B 84 10.71 21.13 3.87
C THR B 84 10.78 20.04 4.95
N VAL B 85 9.63 19.64 5.49
CA VAL B 85 9.54 18.56 6.45
C VAL B 85 8.94 17.32 5.74
N TYR B 86 9.68 16.22 5.79
CA TYR B 86 9.23 14.95 5.30
C TYR B 86 8.91 13.97 6.40
N ILE B 87 7.77 13.31 6.25
CA ILE B 87 7.20 12.41 7.24
C ILE B 87 7.49 10.95 6.85
N ALA B 88 8.04 10.16 7.79
CA ALA B 88 8.38 8.74 7.48
C ALA B 88 7.16 7.94 7.26
N GLN B 89 7.20 7.06 6.25
CA GLN B 89 6.05 6.20 5.90
C GLN B 89 6.41 4.74 6.16
N GLN B 90 7.53 4.31 5.60
CA GLN B 90 7.94 2.92 5.67
C GLN B 90 9.43 2.79 5.40
N MET B 91 9.98 1.68 5.90
CA MET B 91 11.35 1.26 5.67
CA MET B 91 11.34 1.25 5.64
C MET B 91 11.31 -0.08 4.93
N HIS B 92 12.20 -0.26 3.95
CA HIS B 92 12.33 -1.55 3.28
C HIS B 92 13.77 -1.77 2.85
N PHE B 93 14.02 -2.94 2.24
CA PHE B 93 15.38 -3.40 1.98
C PHE B 93 15.52 -3.92 0.57
N HIS B 94 16.66 -3.63 -0.03
CA HIS B 94 17.07 -4.20 -1.30
C HIS B 94 18.26 -5.11 -1.09
N TRP B 95 18.10 -6.36 -1.49
CA TRP B 95 19.15 -7.35 -1.34
C TRP B 95 19.25 -8.25 -2.57
N GLY B 96 20.34 -9.02 -2.62
CA GLY B 96 20.64 -9.90 -3.77
C GLY B 96 20.89 -11.32 -3.29
N GLY B 97 22.14 -11.75 -3.36
CA GLY B 97 22.53 -13.07 -2.85
C GLY B 97 22.00 -14.21 -3.67
N GLU B 101 28.72 -12.41 -7.75
CA GLU B 101 28.80 -10.95 -7.89
C GLU B 101 27.91 -10.27 -6.84
N ILE B 102 28.42 -9.22 -6.21
CA ILE B 102 27.65 -8.49 -5.19
C ILE B 102 26.50 -7.83 -5.90
N SER B 103 25.29 -7.99 -5.37
CA SER B 103 24.11 -7.76 -6.18
C SER B 103 22.94 -7.08 -5.48
N GLY B 104 23.16 -6.58 -4.28
CA GLY B 104 22.04 -6.10 -3.50
C GLY B 104 21.61 -4.68 -3.77
N SER B 105 22.55 -3.76 -3.83
CA SER B 105 22.11 -2.33 -3.81
C SER B 105 21.59 -1.88 -5.18
N GLU B 106 20.70 -0.89 -5.19
CA GLU B 106 20.31 -0.23 -6.43
C GLU B 106 21.32 0.89 -6.85
N HIS B 107 21.70 1.73 -5.90
CA HIS B 107 22.79 2.70 -6.13
C HIS B 107 24.14 2.03 -5.98
N THR B 108 25.11 2.56 -6.70
CA THR B 108 26.49 2.13 -6.60
C THR B 108 27.34 3.37 -6.29
N VAL B 109 28.56 3.14 -5.81
CA VAL B 109 29.50 4.20 -5.45
C VAL B 109 30.82 3.90 -6.13
N ASP B 110 31.22 4.79 -7.02
CA ASP B 110 32.41 4.57 -7.84
C ASP B 110 32.35 3.17 -8.44
N GLY B 111 31.18 2.75 -8.90
CA GLY B 111 31.03 1.53 -9.66
C GLY B 111 30.88 0.28 -8.82
N ILE B 112 30.93 0.40 -7.49
CA ILE B 112 30.83 -0.75 -6.58
C ILE B 112 29.42 -0.87 -6.06
N ARG B 113 28.86 -2.07 -6.17
CA ARG B 113 27.56 -2.37 -5.63
C ARG B 113 27.73 -2.89 -4.20
N HIS B 114 26.69 -2.75 -3.40
CA HIS B 114 26.72 -3.23 -2.01
C HIS B 114 25.74 -4.33 -1.75
N VAL B 115 25.91 -5.01 -0.61
CA VAL B 115 25.16 -6.25 -0.35
C VAL B 115 23.71 -5.98 -0.09
N ILE B 116 23.43 -4.88 0.64
CA ILE B 116 22.05 -4.48 0.97
C ILE B 116 22.01 -2.95 0.91
N GLU B 117 20.88 -2.44 0.43
CA GLU B 117 20.56 -1.00 0.55
C GLU B 117 19.24 -0.87 1.32
N ILE B 118 19.25 0.00 2.30
CA ILE B 118 18.12 0.20 3.21
C ILE B 118 17.49 1.53 2.75
N HIS B 119 16.16 1.54 2.61
CA HIS B 119 15.42 2.74 2.24
C HIS B 119 14.34 3.10 3.23
N ILE B 120 14.36 4.34 3.70
CA ILE B 120 13.26 4.86 4.49
C ILE B 120 12.55 5.90 3.60
N VAL B 121 11.31 5.58 3.22
CA VAL B 121 10.51 6.42 2.34
C VAL B 121 9.70 7.42 3.18
N HIS B 122 9.77 8.69 2.76
CA HIS B 122 9.10 9.80 3.47
C HIS B 122 8.27 10.60 2.49
N TYR B 123 7.22 11.25 2.98
CA TYR B 123 6.45 12.12 2.13
C TYR B 123 6.37 13.55 2.65
N ASN B 124 6.18 14.46 1.71
CA ASN B 124 6.23 15.89 2.01
C ASN B 124 5.01 16.26 2.84
N SER B 125 5.30 16.79 4.03
CA SER B 125 4.24 17.21 4.93
C SER B 125 3.24 18.25 4.36
N LYS B 126 3.57 18.92 3.26
CA LYS B 126 2.59 19.81 2.65
C LYS B 126 1.35 19.07 2.14
N TYR B 127 1.50 17.77 1.87
CA TYR B 127 0.32 16.98 1.46
C TYR B 127 -0.36 16.24 2.59
N LYS B 128 -1.66 16.01 2.47
CA LYS B 128 -2.42 15.35 3.54
C LYS B 128 -2.16 13.86 3.69
N SER B 129 -1.62 13.19 2.68
CA SER B 129 -1.37 11.74 2.80
C SER B 129 -0.25 11.32 1.91
N TYR B 130 0.32 10.17 2.23
CA TYR B 130 1.34 9.54 1.37
C TYR B 130 0.81 9.29 -0.06
N ASP B 131 -0.42 8.82 -0.19
CA ASP B 131 -0.98 8.54 -1.54
C ASP B 131 -1.15 9.77 -2.39
N ILE B 132 -1.49 10.88 -1.77
CA ILE B 132 -1.47 12.18 -2.46
C ILE B 132 -0.03 12.63 -2.85
N ALA B 133 0.92 12.50 -1.93
CA ALA B 133 2.34 12.88 -2.17
C ALA B 133 2.98 12.11 -3.32
N GLN B 134 2.56 10.85 -3.50
CA GLN B 134 3.19 10.05 -4.54
C GLN B 134 2.97 10.59 -5.98
N ASP B 135 1.95 11.41 -6.19
CA ASP B 135 1.62 12.06 -7.47
C ASP B 135 2.07 13.51 -7.52
N ALA B 136 2.62 14.02 -6.43
CA ALA B 136 2.88 15.43 -6.33
C ALA B 136 4.32 15.76 -6.63
N PRO B 137 4.52 16.95 -7.20
CA PRO B 137 5.85 17.48 -7.27
C PRO B 137 6.42 17.61 -5.82
N ASP B 138 7.69 17.30 -5.69
CA ASP B 138 8.35 17.33 -4.38
C ASP B 138 7.64 16.47 -3.33
N GLY B 139 7.01 15.39 -3.75
CA GLY B 139 6.15 14.63 -2.87
C GLY B 139 6.93 13.72 -1.94
N LEU B 140 8.10 13.22 -2.40
CA LEU B 140 8.84 12.12 -1.70
C LEU B 140 10.30 12.37 -1.43
N ALA B 141 10.80 11.81 -0.35
CA ALA B 141 12.21 11.81 -0.02
C ALA B 141 12.58 10.40 0.48
N VAL B 142 13.74 9.89 0.06
CA VAL B 142 14.25 8.59 0.57
C VAL B 142 15.59 8.79 1.20
N LEU B 143 15.70 8.30 2.43
CA LEU B 143 16.98 8.18 3.10
C LEU B 143 17.45 6.78 2.84
N ALA B 144 18.65 6.67 2.29
CA ALA B 144 19.19 5.39 1.89
C ALA B 144 20.52 5.15 2.59
N ALA B 145 20.73 3.90 3.00
CA ALA B 145 21.95 3.46 3.64
C ALA B 145 22.40 2.11 3.09
N PHE B 146 23.70 1.99 2.84
CA PHE B 146 24.27 0.71 2.45
C PHE B 146 24.66 -0.12 3.67
N VAL B 147 24.60 -1.44 3.51
CA VAL B 147 25.17 -2.38 4.45
C VAL B 147 26.53 -2.86 3.92
N GLU B 148 27.48 -2.97 4.84
CA GLU B 148 28.78 -3.60 4.60
C GLU B 148 28.92 -4.85 5.49
N VAL B 149 29.68 -5.82 5.01
CA VAL B 149 30.03 -7.00 5.81
C VAL B 149 31.52 -7.19 5.74
N LYS B 150 32.03 -7.81 6.78
CA LYS B 150 33.47 -8.05 6.92
C LYS B 150 33.54 -9.18 7.94
N ASN B 151 33.90 -8.87 9.18
CA ASN B 151 33.93 -9.88 10.24
C ASN B 151 33.14 -9.37 11.43
N TYR B 152 32.10 -8.59 11.15
CA TYR B 152 31.39 -7.87 12.20
C TYR B 152 30.54 -8.82 13.02
N PRO B 153 30.39 -8.51 14.32
CA PRO B 153 29.49 -9.30 15.14
C PRO B 153 28.03 -8.97 14.84
N GLU B 154 27.12 -9.74 15.43
CA GLU B 154 25.71 -9.45 15.29
C GLU B 154 25.40 -7.99 15.59
N ASN B 155 24.65 -7.36 14.71
CA ASN B 155 24.10 -6.06 14.97
C ASN B 155 22.80 -6.23 15.76
N THR B 156 22.81 -5.77 17.02
CA THR B 156 21.75 -6.05 17.98
C THR B 156 20.51 -5.27 17.71
N TYR B 157 20.66 -4.14 17.01
CA TYR B 157 19.51 -3.37 16.63
C TYR B 157 18.66 -4.08 15.56
N TYR B 158 19.23 -5.08 14.87
CA TYR B 158 18.53 -5.89 13.88
C TYR B 158 18.03 -7.25 14.41
N SER B 159 18.35 -7.59 15.65
CA SER B 159 18.05 -8.96 16.15
C SER B 159 16.60 -9.32 16.13
N ASN B 160 15.72 -8.46 16.63
CA ASN B 160 14.26 -8.77 16.58
C ASN B 160 13.68 -8.82 15.21
N PHE B 161 14.07 -7.84 14.39
CA PHE B 161 13.66 -7.82 13.03
C PHE B 161 14.04 -9.12 12.33
N ILE B 162 15.31 -9.48 12.40
CA ILE B 162 15.80 -10.67 11.74
C ILE B 162 15.06 -11.88 12.29
N SER B 163 14.81 -11.94 13.59
CA SER B 163 14.12 -13.12 14.14
C SER B 163 12.70 -13.28 13.64
N HIS B 164 12.03 -12.16 13.35
CA HIS B 164 10.68 -12.13 12.85
C HIS B 164 10.55 -12.49 11.37
N LEU B 165 11.66 -12.48 10.63
CA LEU B 165 11.62 -12.90 9.24
C LEU B 165 11.01 -14.29 9.14
N ALA B 166 11.27 -15.17 10.12
CA ALA B 166 10.73 -16.52 10.12
C ALA B 166 9.19 -16.50 10.11
N ASN B 167 8.58 -15.42 10.62
CA ASN B 167 7.10 -15.34 10.66
C ASN B 167 6.41 -14.78 9.41
N ILE B 168 7.18 -14.35 8.42
CA ILE B 168 6.61 -13.73 7.20
C ILE B 168 7.19 -14.36 5.96
N LYS B 169 7.48 -15.66 6.03
CA LYS B 169 8.04 -16.33 4.90
C LYS B 169 7.15 -16.21 3.66
N TYR B 170 5.82 -16.20 3.82
CA TYR B 170 4.96 -16.22 2.61
C TYR B 170 4.40 -14.87 2.29
N PRO B 171 4.23 -14.57 1.00
CA PRO B 171 3.69 -13.24 0.66
C PRO B 171 2.32 -12.93 1.29
N GLY B 172 2.15 -11.68 1.73
CA GLY B 172 1.01 -11.18 2.51
C GLY B 172 1.04 -11.52 4.00
N GLN B 173 1.95 -12.38 4.47
CA GLN B 173 2.06 -12.61 5.93
C GLN B 173 2.60 -11.37 6.61
N ARG B 174 2.09 -11.13 7.81
CA ARG B 174 2.40 -9.90 8.54
C ARG B 174 2.80 -10.30 9.94
N THR B 175 3.67 -9.50 10.57
CA THR B 175 4.03 -9.75 11.96
C THR B 175 4.24 -8.36 12.56
N THR B 176 4.28 -8.25 13.87
CA THR B 176 4.49 -6.97 14.50
CA THR B 176 4.53 -6.96 14.47
C THR B 176 5.74 -6.97 15.40
N LEU B 177 6.48 -5.87 15.33
CA LEU B 177 7.54 -5.63 16.27
C LEU B 177 6.91 -4.67 17.25
N THR B 178 7.14 -4.93 18.54
CA THR B 178 6.57 -4.12 19.62
C THR B 178 7.33 -2.84 20.00
N GLY B 179 8.48 -2.68 19.44
CA GLY B 179 9.33 -1.54 19.75
C GLY B 179 10.42 -1.63 18.72
N LEU B 180 11.08 -0.52 18.45
CA LEU B 180 12.09 -0.48 17.40
C LEU B 180 12.98 0.75 17.63
N ASP B 181 14.22 0.71 17.16
CA ASP B 181 15.10 1.87 17.24
C ASP B 181 15.67 2.10 15.83
N VAL B 182 14.88 2.80 15.01
CA VAL B 182 15.22 3.01 13.60
C VAL B 182 16.55 3.75 13.47
N GLN B 183 16.74 4.74 14.34
CA GLN B 183 17.95 5.52 14.35
C GLN B 183 19.21 4.65 14.43
N ASP B 184 19.17 3.64 15.31
CA ASP B 184 20.32 2.77 15.56
C ASP B 184 20.39 1.58 14.60
N MET B 185 19.37 1.42 13.74
CA MET B 185 19.48 0.52 12.56
C MET B 185 20.17 1.17 11.38
N LEU B 186 20.35 2.48 11.47
CA LEU B 186 21.01 3.25 10.42
C LEU B 186 22.53 3.35 10.75
N PRO B 187 23.35 3.95 9.86
CA PRO B 187 24.77 4.01 10.21
C PRO B 187 25.03 4.83 11.49
N ARG B 188 26.14 4.55 12.15
CA ARG B 188 26.56 5.27 13.35
C ARG B 188 26.71 6.79 13.07
N ASN B 189 27.28 7.16 11.93
CA ASN B 189 27.24 8.59 11.49
C ASN B 189 26.08 8.94 10.58
N LEU B 190 25.17 9.75 11.08
CA LEU B 190 24.06 10.22 10.33
C LEU B 190 24.25 11.71 9.95
N GLN B 191 25.45 12.24 10.10
CA GLN B 191 25.72 13.64 9.78
C GLN B 191 25.96 13.83 8.29
N HIS B 192 26.80 12.95 7.73
CA HIS B 192 27.28 13.10 6.38
C HIS B 192 26.48 12.30 5.33
N TYR B 193 26.09 13.00 4.27
CA TYR B 193 25.33 12.41 3.16
C TYR B 193 25.63 13.01 1.79
N TYR B 194 25.27 12.25 0.75
CA TYR B 194 25.13 12.70 -0.62
C TYR B 194 23.66 12.88 -0.91
N THR B 195 23.36 13.80 -1.81
CA THR B 195 22.00 14.12 -2.19
C THR B 195 21.88 14.51 -3.67
N TYR B 196 20.75 14.12 -4.25
CA TYR B 196 20.43 14.48 -5.62
C TYR B 196 18.95 14.30 -5.79
N HIS B 197 18.44 14.85 -6.88
CA HIS B 197 17.02 14.75 -7.20
C HIS B 197 16.81 13.69 -8.28
N GLY B 198 15.93 12.73 -7.99
CA GLY B 198 15.71 11.60 -8.86
C GLY B 198 14.28 11.17 -8.92
N SER B 199 14.13 9.84 -9.03
CA SER B 199 12.90 9.20 -9.34
C SER B 199 12.63 7.93 -8.54
N LEU B 200 11.41 7.41 -8.66
CA LEU B 200 11.17 6.00 -8.38
C LEU B 200 12.02 5.06 -9.28
N THR B 201 12.47 3.93 -8.73
CA THR B 201 13.35 3.02 -9.46
C THR B 201 12.57 1.94 -10.21
N THR B 202 11.26 2.02 -10.18
CA THR B 202 10.38 1.15 -10.96
C THR B 202 9.20 1.98 -11.51
N PRO B 203 8.47 1.45 -12.55
CA PRO B 203 7.32 2.17 -13.05
C PRO B 203 6.34 2.55 -11.96
N PRO B 204 5.79 3.77 -12.01
CA PRO B 204 5.82 4.73 -13.11
C PRO B 204 7.00 5.72 -13.12
N CYS B 205 8.08 5.45 -12.38
CA CYS B 205 9.34 6.21 -12.46
C CYS B 205 9.23 7.71 -12.20
N THR B 206 8.24 8.07 -11.39
CA THR B 206 7.94 9.50 -11.13
C THR B 206 9.19 10.21 -10.62
N GLU B 207 9.42 11.38 -11.16
CA GLU B 207 10.60 12.14 -10.91
C GLU B 207 10.32 13.14 -9.80
N ASN B 208 9.91 12.62 -8.63
CA ASN B 208 9.57 13.51 -7.51
C ASN B 208 10.26 13.06 -6.22
N VAL B 209 11.42 12.45 -6.37
CA VAL B 209 12.10 11.87 -5.20
C VAL B 209 13.39 12.61 -4.91
N HIS B 210 13.46 13.13 -3.70
CA HIS B 210 14.64 13.74 -3.16
C HIS B 210 15.42 12.66 -2.39
N TRP B 211 16.56 12.27 -2.94
CA TRP B 211 17.36 11.20 -2.42
C TRP B 211 18.49 11.73 -1.49
N PHE B 212 18.59 11.10 -0.32
CA PHE B 212 19.71 11.26 0.59
C PHE B 212 20.43 9.92 0.75
N VAL B 213 21.69 9.86 0.35
CA VAL B 213 22.47 8.66 0.49
C VAL B 213 23.51 8.86 1.55
N LEU B 214 23.43 8.09 2.63
CA LEU B 214 24.35 8.22 3.73
C LEU B 214 25.73 7.73 3.30
N ALA B 215 26.76 8.45 3.77
CA ALA B 215 28.17 8.15 3.49
C ALA B 215 28.68 6.97 4.33
N ASP B 216 28.31 6.91 5.59
CA ASP B 216 28.69 5.79 6.47
C ASP B 216 27.73 4.60 6.18
N PHE B 217 28.11 3.42 6.63
CA PHE B 217 27.47 2.14 6.30
C PHE B 217 26.87 1.50 7.57
N VAL B 218 25.90 0.61 7.38
CA VAL B 218 25.39 -0.23 8.45
C VAL B 218 26.22 -1.50 8.47
N LYS B 219 26.69 -1.89 9.64
CA LYS B 219 27.47 -3.13 9.77
C LYS B 219 26.55 -4.28 10.16
N LEU B 220 26.42 -5.28 9.31
CA LEU B 220 25.71 -6.53 9.69
C LEU B 220 26.67 -7.71 9.74
N SER B 221 26.32 -8.72 10.52
CA SER B 221 27.05 -9.97 10.49
C SER B 221 26.71 -10.68 9.19
N ARG B 222 27.60 -11.59 8.78
CA ARG B 222 27.38 -12.39 7.57
C ARG B 222 26.14 -13.30 7.72
N THR B 223 25.91 -13.77 8.94
CA THR B 223 24.70 -14.52 9.27
C THR B 223 23.44 -13.70 9.06
N GLN B 224 23.41 -12.47 9.57
CA GLN B 224 22.25 -11.62 9.42
C GLN B 224 21.97 -11.33 7.94
N VAL B 225 23.02 -11.10 7.15
CA VAL B 225 22.83 -10.82 5.75
C VAL B 225 22.24 -12.09 5.11
N TRP B 226 22.84 -13.24 5.41
CA TRP B 226 22.34 -14.50 4.89
C TRP B 226 20.86 -14.77 5.25
N LYS B 227 20.46 -14.53 6.50
CA LYS B 227 19.03 -14.68 6.86
C LYS B 227 18.12 -13.76 6.04
N LEU B 228 18.53 -12.49 5.84
CA LEU B 228 17.72 -11.59 5.01
C LEU B 228 17.52 -12.13 3.59
N GLU B 229 18.60 -12.62 3.01
CA GLU B 229 18.62 -13.07 1.66
C GLU B 229 17.87 -14.39 1.47
N ASN B 230 17.68 -15.17 2.52
CA ASN B 230 17.21 -16.55 2.35
C ASN B 230 15.95 -16.89 3.12
N SER B 231 15.24 -15.88 3.63
CA SER B 231 14.11 -16.14 4.48
C SER B 231 12.73 -15.96 3.84
N LEU B 232 12.63 -15.13 2.82
CA LEU B 232 11.34 -14.74 2.27
C LEU B 232 11.07 -15.41 0.93
N LEU B 233 9.83 -15.86 0.74
CA LEU B 233 9.39 -16.40 -0.53
C LEU B 233 8.54 -15.42 -1.31
N ASP B 234 8.61 -15.55 -2.64
CA ASP B 234 7.77 -14.73 -3.51
C ASP B 234 6.44 -15.46 -3.82
N HIS B 235 5.66 -14.89 -4.74
CA HIS B 235 4.34 -15.44 -5.09
C HIS B 235 4.40 -16.76 -5.86
N ARG B 236 5.58 -17.19 -6.26
CA ARG B 236 5.75 -18.49 -6.88
C ARG B 236 6.49 -19.45 -5.93
N ASN B 237 6.56 -19.09 -4.65
CA ASN B 237 7.31 -19.86 -3.65
C ASN B 237 8.81 -19.98 -3.93
N LYS B 238 9.37 -19.02 -4.66
CA LYS B 238 10.82 -18.93 -4.84
C LYS B 238 11.34 -17.90 -3.84
N THR B 239 12.57 -18.10 -3.36
CA THR B 239 13.26 -17.10 -2.55
C THR B 239 13.29 -15.80 -3.31
N ILE B 240 12.91 -14.74 -2.63
CA ILE B 240 12.96 -13.40 -3.22
C ILE B 240 14.38 -13.07 -3.66
N HIS B 241 14.51 -12.93 -4.98
CA HIS B 241 15.70 -12.39 -5.66
C HIS B 241 15.23 -11.61 -6.89
N ASN B 242 15.02 -10.30 -6.74
CA ASN B 242 14.54 -9.42 -7.82
C ASN B 242 15.68 -8.61 -8.43
N ASP B 243 15.72 -8.46 -9.74
CA ASP B 243 16.77 -7.66 -10.36
C ASP B 243 16.51 -6.18 -10.00
N TYR B 244 17.59 -5.42 -9.98
CA TYR B 244 17.54 -3.99 -9.76
C TYR B 244 17.54 -3.35 -11.12
N ARG B 245 17.06 -2.12 -11.18
CA ARG B 245 17.15 -1.27 -12.37
C ARG B 245 18.61 -0.81 -12.47
N ARG B 246 19.17 -0.84 -13.65
CA ARG B 246 20.55 -0.37 -13.83
C ARG B 246 20.70 1.11 -13.49
N THR B 247 21.92 1.51 -13.13
CA THR B 247 22.19 2.92 -12.84
C THR B 247 21.91 3.77 -14.10
N GLN B 248 21.45 4.99 -13.84
CA GLN B 248 20.99 5.90 -14.86
C GLN B 248 21.90 7.13 -15.00
N PRO B 249 21.95 7.71 -16.19
CA PRO B 249 22.83 8.88 -16.39
C PRO B 249 22.44 10.07 -15.54
N LEU B 250 23.43 10.74 -14.96
CA LEU B 250 23.15 11.98 -14.20
C LEU B 250 22.55 13.06 -15.09
N ASN B 251 22.95 13.07 -16.36
CA ASN B 251 22.54 14.15 -17.28
C ASN B 251 22.95 15.50 -16.72
N HIS B 252 22.01 16.40 -16.44
CA HIS B 252 22.42 17.74 -16.01
C HIS B 252 22.55 17.86 -14.49
N ARG B 253 22.34 16.76 -13.79
CA ARG B 253 22.40 16.77 -12.33
C ARG B 253 23.81 16.70 -11.78
N VAL B 254 24.01 17.30 -10.61
CA VAL B 254 25.29 17.27 -9.92
C VAL B 254 24.99 16.76 -8.51
N VAL B 255 25.65 15.66 -8.12
CA VAL B 255 25.40 15.08 -6.82
C VAL B 255 26.15 16.02 -5.86
N GLU B 256 25.49 16.40 -4.77
CA GLU B 256 26.08 17.24 -3.76
C GLU B 256 26.31 16.51 -2.43
N SER B 257 27.33 16.94 -1.69
CA SER B 257 27.55 16.45 -0.30
C SER B 257 27.52 17.60 0.71
N ASN B 258 27.27 17.25 1.97
CA ASN B 258 27.27 18.23 3.03
C ASN B 258 28.57 18.20 3.81
N PHE B 259 29.60 17.62 3.21
CA PHE B 259 30.94 17.58 3.78
C PHE B 259 31.97 17.66 2.64
N PRO B 260 33.20 18.09 2.91
CA PRO B 260 34.16 18.24 1.76
C PRO B 260 34.71 16.94 1.05
N ASN B 261 35.10 17.01 -0.24
CA ASN B 261 36.47 16.57 -0.79
C ASN B 261 36.55 16.68 -2.33
#